data_6KOJ
#
_entry.id   6KOJ
#
_cell.length_a   31.860
_cell.length_b   45.270
_cell.length_c   50.480
_cell.angle_alpha   110.190
_cell.angle_beta   106.040
_cell.angle_gamma   90.070
#
_symmetry.space_group_name_H-M   'P 1'
#
loop_
_entity.id
_entity.type
_entity.pdbx_description
1 polymer 'Sorting nexin-11'
2 non-polymer '[(2~{R})-2-butanoyloxy-3-[oxidanyl-[(2~{R},3~{R},5~{S},6~{R})-2,4,6-tris(oxidanyl)-3,5-diphosphonooxy-cyclohexyl]oxy-phosphoryl]oxy-propyl] butanoate'
3 water water
#
_entity_poly.entity_id   1
_entity_poly.type   'polypeptide(L)'
_entity_poly.pdbx_seq_one_letter_code
;MSENQEQEEVITVRVQDPRVQNEGSWNSYVDYKIFLHTNSKAFTAKTSCVRRRYREFVWLRKQLQRNAGLVPVPELPGKS
TFFGTSDEFIEKRRQGLQHFLEKVLQSVVLLSDSQLHLFLQSQLSVPEIEACVQGRLEHHHHHH
;
_entity_poly.pdbx_strand_id   A,B
#
# COMPACT_ATOMS: atom_id res chain seq x y z
N VAL A 10 17.70 -26.21 -15.37
CA VAL A 10 18.42 -25.40 -14.34
C VAL A 10 17.75 -24.02 -14.19
N ILE A 11 17.35 -23.70 -12.95
CA ILE A 11 16.75 -22.39 -12.53
C ILE A 11 17.50 -21.89 -11.30
N THR A 12 18.20 -20.77 -11.42
CA THR A 12 18.80 -20.06 -10.23
C THR A 12 17.97 -18.79 -9.98
N VAL A 13 17.35 -18.71 -8.81
CA VAL A 13 16.53 -17.55 -8.39
C VAL A 13 17.14 -17.03 -7.08
N ARG A 14 17.46 -15.75 -7.02
CA ARG A 14 18.07 -15.12 -5.80
C ARG A 14 17.32 -13.83 -5.50
N VAL A 15 16.95 -13.61 -4.25
CA VAL A 15 16.42 -12.28 -3.79
C VAL A 15 17.58 -11.60 -3.06
N GLN A 16 18.03 -10.47 -3.58
CA GLN A 16 19.35 -9.84 -3.25
C GLN A 16 19.24 -8.34 -3.02
N ASP A 17 20.32 -7.77 -2.51
CA ASP A 17 20.59 -6.31 -2.51
C ASP A 17 19.38 -5.51 -2.06
N PRO A 18 18.87 -5.68 -0.82
CA PRO A 18 17.79 -4.82 -0.34
C PRO A 18 18.25 -3.34 -0.36
N ARG A 19 17.40 -2.44 -0.85
CA ARG A 19 17.70 -0.99 -0.98
C ARG A 19 16.50 -0.16 -0.51
N VAL A 20 16.74 0.98 0.16
CA VAL A 20 15.64 1.93 0.54
C VAL A 20 15.42 2.85 -0.66
N GLN A 21 14.18 2.92 -1.15
CA GLN A 21 13.75 3.79 -2.27
C GLN A 21 13.13 5.08 -1.69
N ASN A 22 13.00 6.12 -2.54
CA ASN A 22 12.88 7.56 -2.16
C ASN A 22 13.33 7.74 -0.69
N GLU A 23 14.61 7.50 -0.38
CA GLU A 23 15.18 7.54 1.00
C GLU A 23 15.07 8.96 1.58
N GLY A 24 14.99 9.07 2.91
CA GLY A 24 14.86 10.34 3.65
C GLY A 24 13.55 11.06 3.34
N SER A 25 12.43 10.34 3.16
CA SER A 25 11.13 10.91 2.74
C SER A 25 9.96 10.11 3.34
N TRP A 26 8.79 10.74 3.37
CA TRP A 26 7.55 10.19 3.99
C TRP A 26 7.18 8.85 3.34
N ASN A 27 7.37 8.72 2.03
CA ASN A 27 7.03 7.47 1.28
C ASN A 27 8.29 6.66 0.94
N SER A 28 9.28 6.59 1.83
CA SER A 28 10.42 5.65 1.65
C SER A 28 9.95 4.20 1.89
N TYR A 29 10.55 3.21 1.20
CA TYR A 29 10.28 1.77 1.39
C TYR A 29 11.47 0.94 0.91
N VAL A 30 11.58 -0.31 1.36
CA VAL A 30 12.60 -1.28 0.86
C VAL A 30 11.98 -2.08 -0.31
N ASP A 31 12.76 -2.25 -1.38
CA ASP A 31 12.50 -3.28 -2.42
C ASP A 31 13.75 -4.15 -2.56
N TYR A 32 13.56 -5.27 -3.25
CA TYR A 32 14.53 -6.40 -3.31
C TYR A 32 14.75 -6.74 -4.78
N LYS A 33 16.00 -7.01 -5.14
CA LYS A 33 16.35 -7.41 -6.54
C LYS A 33 16.03 -8.89 -6.68
N ILE A 34 15.21 -9.25 -7.67
CA ILE A 34 14.96 -10.68 -7.98
C ILE A 34 15.80 -11.02 -9.21
N PHE A 35 16.85 -11.81 -9.01
CA PHE A 35 17.72 -12.33 -10.08
C PHE A 35 17.22 -13.70 -10.45
N LEU A 36 16.86 -13.88 -11.72
CA LEU A 36 16.47 -15.19 -12.29
C LEU A 36 17.39 -15.46 -13.49
N HIS A 37 18.14 -16.56 -13.43
CA HIS A 37 18.82 -17.15 -14.62
C HIS A 37 18.33 -18.61 -14.82
N THR A 38 18.09 -19.00 -16.06
CA THR A 38 17.55 -20.34 -16.37
C THR A 38 17.90 -20.77 -17.80
N ASN A 39 18.02 -22.08 -18.00
CA ASN A 39 18.19 -22.67 -19.36
C ASN A 39 16.82 -23.22 -19.84
N SER A 40 15.72 -23.01 -19.10
CA SER A 40 14.35 -23.48 -19.43
C SER A 40 13.57 -22.36 -20.13
N LYS A 41 13.02 -22.64 -21.32
CA LYS A 41 12.23 -21.65 -22.08
C LYS A 41 10.78 -21.60 -21.53
N ALA A 42 10.50 -22.20 -20.36
CA ALA A 42 9.29 -21.90 -19.54
C ALA A 42 9.23 -20.38 -19.34
N PHE A 43 10.40 -19.73 -19.25
CA PHE A 43 10.53 -18.25 -19.19
C PHE A 43 10.78 -17.67 -20.59
N THR A 44 10.23 -16.50 -20.84
CA THR A 44 10.45 -15.72 -22.06
C THR A 44 11.87 -15.11 -22.08
N ALA A 45 12.54 -14.86 -20.95
CA ALA A 45 13.95 -14.37 -20.96
C ALA A 45 14.85 -15.26 -20.09
N LYS A 46 16.12 -15.44 -20.50
CA LYS A 46 17.08 -16.38 -19.87
C LYS A 46 17.74 -15.74 -18.65
N THR A 47 17.91 -14.41 -18.64
CA THR A 47 18.35 -13.62 -17.45
C THR A 47 17.36 -12.46 -17.24
N SER A 48 16.84 -12.33 -16.02
CA SER A 48 16.06 -11.14 -15.61
C SER A 48 16.57 -10.60 -14.27
N CYS A 49 16.46 -9.29 -14.13
CA CYS A 49 16.52 -8.52 -12.88
C CYS A 49 15.28 -7.62 -12.83
N VAL A 50 14.53 -7.67 -11.74
CA VAL A 50 13.40 -6.72 -11.48
C VAL A 50 13.45 -6.46 -9.98
N ARG A 51 12.95 -5.31 -9.56
CA ARG A 51 12.87 -4.92 -8.14
C ARG A 51 11.40 -5.06 -7.73
N ARG A 52 11.15 -5.74 -6.60
CA ARG A 52 9.79 -5.90 -6.06
C ARG A 52 9.85 -5.56 -4.58
N ARG A 53 8.82 -4.85 -4.08
CA ARG A 53 8.63 -4.55 -2.64
C ARG A 53 7.73 -5.62 -2.02
N TYR A 54 7.81 -5.78 -0.71
CA TYR A 54 7.10 -6.81 0.07
C TYR A 54 5.60 -6.82 -0.33
N ARG A 55 4.94 -5.66 -0.45
CA ARG A 55 3.45 -5.68 -0.60
C ARG A 55 3.08 -6.31 -1.96
N GLU A 56 4.00 -6.22 -2.97
CA GLU A 56 3.86 -6.88 -4.29
C GLU A 56 3.89 -8.41 -4.16
N PHE A 57 4.77 -8.97 -3.35
CA PHE A 57 4.82 -10.40 -2.94
C PHE A 57 3.51 -10.84 -2.29
N VAL A 58 2.93 -10.02 -1.40
CA VAL A 58 1.62 -10.31 -0.72
C VAL A 58 0.53 -10.44 -1.80
N TRP A 59 0.49 -9.52 -2.76
CA TRP A 59 -0.42 -9.58 -3.94
C TRP A 59 -0.19 -10.89 -4.73
N LEU A 60 1.05 -11.22 -5.06
CA LEU A 60 1.38 -12.41 -5.88
C LEU A 60 0.86 -13.69 -5.19
N ARG A 61 1.15 -13.85 -3.89
CA ARG A 61 0.69 -15.00 -3.07
C ARG A 61 -0.85 -15.11 -3.18
N LYS A 62 -1.56 -14.01 -3.04
CA LYS A 62 -3.03 -14.02 -3.07
C LYS A 62 -3.52 -14.35 -4.49
N GLN A 63 -2.88 -13.79 -5.54
CA GLN A 63 -3.30 -14.09 -6.94
C GLN A 63 -2.99 -15.54 -7.29
N LEU A 64 -1.87 -16.12 -6.80
CA LEU A 64 -1.53 -17.55 -7.01
C LEU A 64 -2.61 -18.43 -6.36
N GLN A 65 -2.95 -18.18 -5.09
CA GLN A 65 -4.01 -18.95 -4.39
C GLN A 65 -5.31 -18.96 -5.23
N ARG A 66 -5.74 -17.81 -5.74
CA ARG A 66 -7.02 -17.71 -6.49
C ARG A 66 -6.99 -18.56 -7.78
N ASN A 67 -5.83 -18.79 -8.39
CA ASN A 67 -5.73 -19.58 -9.65
C ASN A 67 -5.35 -21.05 -9.43
N ALA A 68 -4.89 -21.45 -8.24
CA ALA A 68 -4.19 -22.75 -8.05
C ALA A 68 -5.09 -23.79 -7.38
N GLY A 69 -6.33 -23.45 -7.02
CA GLY A 69 -7.31 -24.41 -6.46
C GLY A 69 -6.79 -25.05 -5.18
N LEU A 70 -6.53 -26.38 -5.14
CA LEU A 70 -5.98 -27.02 -3.90
C LEU A 70 -4.45 -26.98 -3.88
N VAL A 71 -3.75 -26.67 -4.97
CA VAL A 71 -2.26 -26.61 -4.92
C VAL A 71 -1.87 -25.62 -3.81
N PRO A 72 -1.15 -26.04 -2.76
CA PRO A 72 -0.76 -25.15 -1.66
C PRO A 72 0.27 -24.10 -2.11
N VAL A 73 0.09 -22.85 -1.70
CA VAL A 73 1.05 -21.75 -2.05
C VAL A 73 1.94 -21.54 -0.84
N PRO A 74 3.28 -21.61 -0.95
CA PRO A 74 4.18 -21.38 0.17
C PRO A 74 3.89 -20.05 0.87
N GLU A 75 4.27 -20.03 2.16
CA GLU A 75 4.01 -18.91 3.10
C GLU A 75 5.05 -17.84 2.83
N LEU A 76 4.67 -16.59 3.04
CA LEU A 76 5.59 -15.45 3.16
C LEU A 76 6.10 -15.38 4.59
N PRO A 77 7.30 -14.78 4.84
CA PRO A 77 7.87 -14.76 6.19
C PRO A 77 6.88 -14.20 7.23
N GLY A 78 6.37 -13.00 7.00
CA GLY A 78 5.44 -12.33 7.92
C GLY A 78 6.06 -11.09 8.55
N LYS A 79 5.49 -10.64 9.68
CA LYS A 79 6.00 -9.50 10.48
C LYS A 79 6.51 -10.06 11.82
N SER A 80 7.62 -9.53 12.33
CA SER A 80 8.24 -10.01 13.59
C SER A 80 7.49 -9.37 14.76
N THR A 81 7.58 -9.99 15.94
CA THR A 81 7.03 -9.47 17.21
C THR A 81 8.18 -9.03 18.13
N PHE A 82 9.39 -8.98 17.56
CA PHE A 82 10.68 -8.68 18.25
C PHE A 82 11.37 -7.52 17.54
N PHE A 83 11.81 -6.54 18.32
CA PHE A 83 12.73 -5.47 17.87
C PHE A 83 14.10 -6.12 17.67
N GLY A 84 14.80 -5.63 16.66
CA GLY A 84 16.24 -5.85 16.43
C GLY A 84 16.75 -4.62 15.71
N THR A 85 17.83 -4.76 14.96
CA THR A 85 18.21 -3.72 13.98
C THR A 85 17.26 -3.86 12.78
N SER A 86 16.99 -2.75 12.11
CA SER A 86 16.35 -2.72 10.77
C SER A 86 17.15 -3.65 9.83
N ASP A 87 18.48 -3.70 9.95
CA ASP A 87 19.37 -4.54 9.11
C ASP A 87 19.06 -6.03 9.31
N GLU A 88 18.94 -6.54 10.54
CA GLU A 88 18.67 -7.99 10.79
C GLU A 88 17.22 -8.36 10.38
N PHE A 89 16.27 -7.42 10.45
CA PHE A 89 14.86 -7.64 10.05
C PHE A 89 14.81 -7.85 8.52
N ILE A 90 15.35 -6.89 7.79
CA ILE A 90 15.50 -6.91 6.32
C ILE A 90 16.19 -8.22 5.90
N GLU A 91 17.27 -8.64 6.57
CA GLU A 91 17.99 -9.88 6.16
C GLU A 91 17.11 -11.13 6.37
N LYS A 92 16.37 -11.22 7.47
CA LYS A 92 15.44 -12.35 7.73
C LYS A 92 14.33 -12.32 6.67
N ARG A 93 13.84 -11.14 6.31
CA ARG A 93 12.77 -10.97 5.29
C ARG A 93 13.32 -11.43 3.91
N ARG A 94 14.49 -10.93 3.50
CA ARG A 94 15.21 -11.34 2.27
C ARG A 94 15.26 -12.86 2.20
N GLN A 95 15.72 -13.54 3.25
CA GLN A 95 15.78 -15.03 3.30
C GLN A 95 14.37 -15.63 3.11
N GLY A 96 13.35 -15.06 3.73
CA GLY A 96 11.97 -15.57 3.57
C GLY A 96 11.44 -15.42 2.15
N LEU A 97 11.68 -14.26 1.50
CA LEU A 97 11.29 -14.00 0.09
C LEU A 97 12.05 -14.98 -0.84
N GLN A 98 13.31 -15.30 -0.52
CA GLN A 98 14.08 -16.23 -1.41
C GLN A 98 13.52 -17.66 -1.28
N HIS A 99 13.24 -18.12 -0.07
CA HIS A 99 12.62 -19.45 0.21
CA HIS A 99 12.62 -19.45 0.21
C HIS A 99 11.23 -19.56 -0.46
N PHE A 100 10.43 -18.50 -0.40
CA PHE A 100 9.09 -18.43 -1.00
C PHE A 100 9.22 -18.70 -2.51
N LEU A 101 10.05 -17.92 -3.23
CA LEU A 101 10.22 -18.06 -4.69
C LEU A 101 10.76 -19.46 -5.03
N GLU A 102 11.71 -19.97 -4.25
CA GLU A 102 12.32 -21.31 -4.46
C GLU A 102 11.19 -22.35 -4.46
N LYS A 103 10.32 -22.35 -3.46
CA LYS A 103 9.21 -23.31 -3.30
C LYS A 103 8.14 -23.08 -4.37
N VAL A 104 7.86 -21.84 -4.79
CA VAL A 104 6.91 -21.57 -5.90
C VAL A 104 7.40 -22.32 -7.15
N LEU A 105 8.67 -22.14 -7.47
CA LEU A 105 9.31 -22.62 -8.73
C LEU A 105 9.47 -24.16 -8.74
N GLN A 106 9.20 -24.85 -7.63
CA GLN A 106 9.12 -26.33 -7.51
C GLN A 106 7.77 -26.89 -7.94
N SER A 107 6.75 -26.05 -8.20
CA SER A 107 5.40 -26.51 -8.63
C SER A 107 5.18 -26.23 -10.12
N VAL A 108 4.92 -27.29 -10.89
CA VAL A 108 4.58 -27.22 -12.34
C VAL A 108 3.39 -26.27 -12.50
N VAL A 109 2.38 -26.40 -11.65
CA VAL A 109 1.12 -25.65 -11.75
C VAL A 109 1.37 -24.16 -11.46
N LEU A 110 2.12 -23.81 -10.41
CA LEU A 110 2.38 -22.38 -10.04
C LEU A 110 3.30 -21.79 -11.10
N LEU A 111 4.22 -22.61 -11.64
CA LEU A 111 5.15 -22.17 -12.71
C LEU A 111 4.38 -21.77 -13.99
N SER A 112 3.25 -22.39 -14.28
CA SER A 112 2.46 -22.17 -15.51
C SER A 112 1.71 -20.82 -15.44
N ASP A 113 1.63 -20.18 -14.26
CA ASP A 113 0.75 -19.00 -14.01
C ASP A 113 1.39 -17.77 -14.68
N SER A 114 0.65 -17.13 -15.59
CA SER A 114 1.08 -15.93 -16.38
C SER A 114 1.41 -14.75 -15.45
N GLN A 115 0.65 -14.59 -14.35
CA GLN A 115 0.89 -13.52 -13.34
C GLN A 115 2.26 -13.70 -12.67
N LEU A 116 2.72 -14.94 -12.47
CA LEU A 116 4.03 -15.21 -11.84
C LEU A 116 5.10 -14.75 -12.81
N HIS A 117 4.89 -15.00 -14.11
CA HIS A 117 5.91 -14.73 -15.17
C HIS A 117 6.11 -13.21 -15.32
N LEU A 118 5.00 -12.45 -15.30
CA LEU A 118 5.00 -10.96 -15.40
C LEU A 118 5.62 -10.37 -14.13
N PHE A 119 5.33 -10.93 -12.94
CA PHE A 119 5.97 -10.48 -11.69
C PHE A 119 7.49 -10.63 -11.76
N LEU A 120 7.99 -11.79 -12.20
CA LEU A 120 9.45 -12.13 -12.11
C LEU A 120 10.23 -11.47 -13.25
N GLN A 121 9.66 -11.33 -14.44
CA GLN A 121 10.44 -11.01 -15.66
C GLN A 121 9.95 -9.75 -16.37
N SER A 122 8.85 -9.10 -15.97
CA SER A 122 8.39 -7.84 -16.62
C SER A 122 8.65 -6.65 -15.69
N GLN A 123 8.63 -5.42 -16.22
CA GLN A 123 8.62 -4.17 -15.40
C GLN A 123 7.18 -3.70 -15.17
N LEU A 124 6.17 -4.52 -15.48
CA LEU A 124 4.74 -4.10 -15.24
C LEU A 124 4.51 -3.93 -13.73
N SER A 125 3.80 -2.87 -13.32
CA SER A 125 3.34 -2.69 -11.93
C SER A 125 2.30 -3.77 -11.65
N VAL A 126 1.95 -3.97 -10.39
CA VAL A 126 0.91 -4.98 -10.04
C VAL A 126 -0.47 -4.60 -10.59
N PRO A 127 -0.99 -3.36 -10.50
CA PRO A 127 -2.27 -3.05 -11.17
C PRO A 127 -2.28 -3.29 -12.69
N GLU A 128 -1.17 -3.07 -13.39
CA GLU A 128 -1.06 -3.34 -14.86
C GLU A 128 -1.15 -4.87 -15.09
N ILE A 129 -0.48 -5.71 -14.29
CA ILE A 129 -0.54 -7.19 -14.41
C ILE A 129 -2.00 -7.64 -14.21
N GLU A 130 -2.63 -7.14 -13.16
CA GLU A 130 -4.04 -7.42 -12.83
C GLU A 130 -4.95 -6.96 -13.98
N ALA A 131 -4.77 -5.76 -14.52
CA ALA A 131 -5.55 -5.24 -15.68
C ALA A 131 -5.39 -6.16 -16.90
N CYS A 132 -4.19 -6.71 -17.17
CA CYS A 132 -3.96 -7.63 -18.32
C CYS A 132 -4.82 -8.91 -18.19
N VAL A 133 -4.95 -9.45 -16.97
CA VAL A 133 -5.70 -10.70 -16.69
C VAL A 133 -7.20 -10.39 -16.74
N GLN A 134 -7.66 -9.32 -16.10
CA GLN A 134 -9.09 -8.88 -16.13
C GLN A 134 -9.54 -8.48 -17.55
N GLY A 135 -8.62 -8.03 -18.41
CA GLY A 135 -8.93 -7.47 -19.75
C GLY A 135 -8.78 -8.52 -20.85
N ARG A 136 -8.57 -9.78 -20.47
CA ARG A 136 -8.56 -11.02 -21.30
C ARG A 136 -7.18 -11.65 -21.22
N GLU B 9 -18.83 9.04 23.56
CA GLU B 9 -20.24 8.98 23.08
C GLU B 9 -20.27 9.19 21.57
N VAL B 10 -20.26 10.44 21.09
CA VAL B 10 -20.59 10.77 19.67
C VAL B 10 -19.35 11.27 18.93
N ILE B 11 -19.00 10.58 17.84
CA ILE B 11 -18.10 11.05 16.73
C ILE B 11 -18.78 10.77 15.39
N THR B 12 -19.14 11.81 14.65
CA THR B 12 -19.60 11.69 13.24
C THR B 12 -18.51 12.21 12.32
N VAL B 13 -18.02 11.37 11.42
CA VAL B 13 -17.08 11.82 10.34
C VAL B 13 -17.77 11.55 9.01
N ARG B 14 -17.88 12.56 8.15
CA ARG B 14 -18.38 12.40 6.75
C ARG B 14 -17.32 12.90 5.77
N VAL B 15 -17.01 12.13 4.74
CA VAL B 15 -16.25 12.61 3.55
C VAL B 15 -17.30 12.98 2.50
N GLN B 16 -17.37 14.26 2.14
CA GLN B 16 -18.55 14.89 1.46
C GLN B 16 -18.11 15.72 0.27
N ASP B 17 -19.10 16.08 -0.56
CA ASP B 17 -19.00 17.16 -1.57
C ASP B 17 -17.68 17.11 -2.34
N PRO B 18 -17.39 16.05 -3.11
CA PRO B 18 -16.15 16.06 -3.91
C PRO B 18 -16.23 17.21 -4.94
N ARG B 19 -15.14 17.96 -5.12
CA ARG B 19 -15.06 19.13 -6.03
C ARG B 19 -13.76 19.09 -6.85
N VAL B 20 -13.81 19.51 -8.11
CA VAL B 20 -12.59 19.72 -8.96
C VAL B 20 -12.01 21.09 -8.59
N GLN B 21 -10.74 21.12 -8.19
CA GLN B 21 -9.98 22.36 -7.88
C GLN B 21 -9.16 22.75 -9.12
N ASN B 22 -8.71 24.02 -9.17
CA ASN B 22 -8.28 24.77 -10.39
C ASN B 22 -8.81 24.03 -11.63
N GLU B 23 -10.14 24.00 -11.81
CA GLU B 23 -10.86 23.28 -12.91
C GLU B 23 -10.43 23.85 -14.28
N GLY B 24 -10.47 22.99 -15.32
CA GLY B 24 -10.11 23.32 -16.71
C GLY B 24 -8.65 23.73 -16.87
N SER B 25 -7.73 23.07 -16.13
CA SER B 25 -6.30 23.44 -16.09
C SER B 25 -5.43 22.20 -15.90
N TRP B 26 -4.13 22.34 -16.22
CA TRP B 26 -3.15 21.24 -16.23
C TRP B 26 -3.06 20.62 -14.83
N ASN B 27 -3.13 21.44 -13.78
CA ASN B 27 -3.02 20.97 -12.37
C ASN B 27 -4.40 20.94 -11.69
N SER B 28 -5.45 20.53 -12.39
CA SER B 28 -6.77 20.26 -11.76
C SER B 28 -6.69 18.95 -10.95
N TYR B 29 -7.44 18.86 -9.85
CA TYR B 29 -7.51 17.64 -8.99
C TYR B 29 -8.81 17.68 -8.18
N VAL B 30 -9.27 16.53 -7.73
CA VAL B 30 -10.43 16.44 -6.79
C VAL B 30 -9.90 16.47 -5.36
N ASP B 31 -10.54 17.28 -4.51
CA ASP B 31 -10.43 17.15 -3.04
C ASP B 31 -11.84 16.93 -2.44
N TYR B 32 -11.86 16.53 -1.18
CA TYR B 32 -13.04 16.02 -0.46
C TYR B 32 -13.15 16.78 0.85
N LYS B 33 -14.36 17.18 1.20
CA LYS B 33 -14.64 17.85 2.48
C LYS B 33 -14.67 16.79 3.57
N ILE B 34 -13.88 16.96 4.61
CA ILE B 34 -13.98 16.08 5.80
C ILE B 34 -14.76 16.88 6.84
N PHE B 35 -16.02 16.49 7.08
CA PHE B 35 -16.87 17.05 8.13
C PHE B 35 -16.70 16.17 9.36
N LEU B 36 -16.23 16.75 10.46
CA LEU B 36 -16.19 16.06 11.77
C LEU B 36 -17.02 16.85 12.78
N HIS B 37 -17.97 16.15 13.41
CA HIS B 37 -18.67 16.66 14.63
C HIS B 37 -18.54 15.64 15.78
N THR B 38 -18.33 16.09 17.01
CA THR B 38 -18.10 15.18 18.16
C THR B 38 -18.44 15.88 19.48
N ASN B 39 -18.82 15.09 20.49
CA ASN B 39 -18.97 15.62 21.88
C ASN B 39 -17.73 15.23 22.72
N SER B 40 -16.70 14.63 22.12
CA SER B 40 -15.44 14.17 22.81
C SER B 40 -14.34 15.23 22.67
N LYS B 41 -13.76 15.67 23.77
CA LYS B 41 -12.64 16.67 23.77
C LYS B 41 -11.30 15.96 23.48
N ALA B 42 -11.31 14.70 23.01
CA ALA B 42 -10.16 14.08 22.30
C ALA B 42 -9.78 14.99 21.13
N PHE B 43 -10.75 15.69 20.57
CA PHE B 43 -10.54 16.72 19.53
C PHE B 43 -10.52 18.12 20.17
N THR B 44 -9.67 18.98 19.62
CA THR B 44 -9.55 20.40 20.01
C THR B 44 -10.77 21.21 19.50
N ALA B 45 -11.46 20.80 18.44
CA ALA B 45 -12.72 21.48 17.99
C ALA B 45 -13.86 20.47 17.87
N LYS B 46 -15.07 20.96 18.20
CA LYS B 46 -16.38 20.26 18.24
C LYS B 46 -16.87 19.99 16.81
N THR B 47 -16.72 20.97 15.93
CA THR B 47 -17.11 20.90 14.50
C THR B 47 -15.94 21.41 13.65
N SER B 48 -15.46 20.59 12.73
CA SER B 48 -14.43 20.99 11.74
C SER B 48 -14.89 20.65 10.31
N CYS B 49 -14.45 21.46 9.37
CA CYS B 49 -14.47 21.24 7.91
C CYS B 49 -13.06 21.51 7.38
N VAL B 50 -12.46 20.52 6.71
CA VAL B 50 -11.17 20.73 5.99
C VAL B 50 -11.31 19.99 4.68
N ARG B 51 -10.61 20.43 3.64
CA ARG B 51 -10.60 19.74 2.35
C ARG B 51 -9.25 19.00 2.24
N ARG B 52 -9.27 17.73 1.87
CA ARG B 52 -8.06 16.91 1.68
C ARG B 52 -8.18 16.22 0.32
N ARG B 53 -7.08 16.15 -0.41
CA ARG B 53 -6.96 15.37 -1.69
C ARG B 53 -6.40 13.97 -1.37
N TYR B 54 -6.59 13.04 -2.28
CA TYR B 54 -6.28 11.59 -2.12
C TYR B 54 -4.81 11.44 -1.67
N ARG B 55 -3.85 12.16 -2.26
CA ARG B 55 -2.40 11.89 -2.00
C ARG B 55 -2.08 12.25 -0.53
N GLU B 56 -2.84 13.18 0.09
CA GLU B 56 -2.75 13.54 1.53
C GLU B 56 -3.17 12.35 2.42
N PHE B 57 -4.25 11.64 2.08
CA PHE B 57 -4.68 10.37 2.73
C PHE B 57 -3.59 9.29 2.65
N VAL B 58 -2.92 9.16 1.51
CA VAL B 58 -1.80 8.19 1.27
C VAL B 58 -0.65 8.52 2.25
N TRP B 59 -0.33 9.79 2.39
CA TRP B 59 0.70 10.29 3.36
C TRP B 59 0.28 9.92 4.80
N LEU B 60 -0.98 10.17 5.16
CA LEU B 60 -1.48 9.92 6.53
C LEU B 60 -1.34 8.44 6.88
N ARG B 61 -1.78 7.54 5.99
CA ARG B 61 -1.67 6.07 6.15
C ARG B 61 -0.21 5.70 6.42
N LYS B 62 0.73 6.23 5.63
CA LYS B 62 2.16 5.91 5.83
C LYS B 62 2.67 6.46 7.17
N GLN B 63 2.27 7.68 7.56
CA GLN B 63 2.72 8.31 8.83
C GLN B 63 2.15 7.55 10.04
N LEU B 64 0.89 7.10 9.97
CA LEU B 64 0.24 6.26 11.01
C LEU B 64 1.01 4.95 11.16
N GLN B 65 1.27 4.22 10.08
CA GLN B 65 2.06 2.95 10.13
C GLN B 65 3.39 3.18 10.86
N ARG B 66 4.12 4.25 10.53
CA ARG B 66 5.44 4.58 11.17
C ARG B 66 5.34 4.66 12.71
N ASN B 67 4.23 5.19 13.24
CA ASN B 67 4.08 5.48 14.68
C ASN B 67 3.32 4.39 15.45
N ALA B 68 2.64 3.45 14.77
CA ALA B 68 1.65 2.56 15.43
C ALA B 68 2.23 1.16 15.71
N GLY B 69 3.45 0.86 15.23
CA GLY B 69 4.13 -0.43 15.45
C GLY B 69 3.27 -1.58 14.93
N LEU B 70 2.80 -2.49 15.80
CA LEU B 70 1.96 -3.65 15.35
C LEU B 70 0.48 -3.27 15.25
N VAL B 71 0.01 -2.14 15.77
CA VAL B 71 -1.41 -1.76 15.48
C VAL B 71 -1.60 -1.71 13.96
N PRO B 72 -2.51 -2.51 13.37
CA PRO B 72 -2.77 -2.48 11.93
C PRO B 72 -3.51 -1.20 11.50
N VAL B 73 -3.12 -0.63 10.37
CA VAL B 73 -3.72 0.63 9.83
C VAL B 73 -4.64 0.22 8.69
N PRO B 74 -5.93 0.62 8.68
CA PRO B 74 -6.85 0.26 7.60
C PRO B 74 -6.33 0.72 6.23
N GLU B 75 -6.82 0.03 5.20
CA GLU B 75 -6.38 0.13 3.79
C GLU B 75 -7.08 1.33 3.17
N LEU B 76 -6.43 1.99 2.22
CA LEU B 76 -7.09 2.95 1.31
C LEU B 76 -7.69 2.18 0.13
N PRO B 77 -8.74 2.71 -0.55
CA PRO B 77 -9.42 1.96 -1.62
C PRO B 77 -8.43 1.44 -2.66
N GLY B 78 -7.65 2.34 -3.26
CA GLY B 78 -6.64 2.00 -4.27
C GLY B 78 -6.99 2.61 -5.61
N LYS B 79 -6.39 2.06 -6.68
CA LYS B 79 -6.68 2.48 -8.06
C LYS B 79 -7.46 1.36 -8.75
N SER B 80 -8.49 1.74 -9.51
CA SER B 80 -9.35 0.81 -10.27
C SER B 80 -8.58 0.36 -11.50
N THR B 81 -8.94 -0.82 -12.00
CA THR B 81 -8.43 -1.40 -13.25
C THR B 81 -9.52 -1.38 -14.31
N PHE B 82 -10.64 -0.66 -14.03
CA PHE B 82 -11.83 -0.55 -14.90
C PHE B 82 -12.14 0.92 -15.17
N PHE B 83 -12.38 1.27 -16.45
CA PHE B 83 -12.99 2.56 -16.86
C PHE B 83 -14.47 2.50 -16.47
N GLY B 84 -15.04 3.66 -16.13
CA GLY B 84 -16.47 3.88 -15.92
C GLY B 84 -16.74 5.36 -15.93
N THR B 85 -17.84 5.84 -15.39
CA THR B 85 -18.15 7.29 -15.39
C THR B 85 -17.26 7.98 -14.33
N SER B 86 -16.84 9.22 -14.57
CA SER B 86 -16.02 9.99 -13.61
C SER B 86 -16.81 10.11 -12.28
N ASP B 87 -18.14 10.27 -12.36
CA ASP B 87 -19.01 10.40 -11.17
C ASP B 87 -19.00 9.12 -10.33
N GLU B 88 -19.09 7.92 -10.92
CA GLU B 88 -19.09 6.65 -10.12
C GLU B 88 -17.68 6.34 -9.57
N PHE B 89 -16.60 6.77 -10.22
CA PHE B 89 -15.21 6.58 -9.73
C PHE B 89 -15.02 7.41 -8.44
N ILE B 90 -15.30 8.70 -8.54
CA ILE B 90 -15.28 9.68 -7.43
C ILE B 90 -16.14 9.15 -6.26
N GLU B 91 -17.36 8.68 -6.54
CA GLU B 91 -18.27 8.18 -5.48
C GLU B 91 -17.67 6.95 -4.79
N LYS B 92 -17.11 5.99 -5.52
CA LYS B 92 -16.50 4.78 -4.92
C LYS B 92 -15.28 5.21 -4.09
N ARG B 93 -14.50 6.19 -4.56
CA ARG B 93 -13.29 6.64 -3.83
C ARG B 93 -13.71 7.34 -2.53
N ARG B 94 -14.66 8.29 -2.61
CA ARG B 94 -15.34 8.94 -1.46
C ARG B 94 -15.72 7.88 -0.44
N GLN B 95 -16.46 6.84 -0.82
CA GLN B 95 -16.88 5.75 0.12
C GLN B 95 -15.63 5.07 0.73
N GLY B 96 -14.57 4.85 -0.03
CA GLY B 96 -13.36 4.20 0.52
C GLY B 96 -12.63 5.09 1.54
N LEU B 97 -12.51 6.40 1.26
CA LEU B 97 -11.93 7.41 2.20
C LEU B 97 -12.81 7.49 3.48
N GLN B 98 -14.12 7.34 3.34
CA GLN B 98 -15.04 7.41 4.50
C GLN B 98 -14.86 6.17 5.38
N HIS B 99 -14.85 4.97 4.81
CA HIS B 99 -14.60 3.68 5.51
CA HIS B 99 -14.64 3.70 5.56
C HIS B 99 -13.22 3.71 6.21
N PHE B 100 -12.21 4.23 5.53
CA PHE B 100 -10.83 4.33 6.11
C PHE B 100 -10.87 5.20 7.38
N LEU B 101 -11.42 6.43 7.32
CA LEU B 101 -11.50 7.34 8.50
C LEU B 101 -12.32 6.68 9.62
N GLU B 102 -13.43 6.05 9.29
CA GLU B 102 -14.29 5.36 10.29
C GLU B 102 -13.44 4.35 11.09
N LYS B 103 -12.69 3.49 10.39
CA LYS B 103 -11.87 2.44 11.02
C LYS B 103 -10.65 3.02 11.77
N VAL B 104 -10.07 4.12 11.30
CA VAL B 104 -8.96 4.80 12.06
C VAL B 104 -9.47 5.22 13.44
N LEU B 105 -10.66 5.85 13.47
CA LEU B 105 -11.25 6.48 14.66
C LEU B 105 -11.73 5.41 15.68
N GLN B 106 -11.78 4.13 15.30
CA GLN B 106 -12.08 2.95 16.18
C GLN B 106 -10.86 2.49 16.98
N SER B 107 -9.65 3.01 16.74
CA SER B 107 -8.41 2.58 17.44
C SER B 107 -7.95 3.68 18.41
N VAL B 108 -7.88 3.34 19.69
CA VAL B 108 -7.40 4.24 20.77
C VAL B 108 -6.02 4.76 20.33
N VAL B 109 -5.16 3.85 19.92
CA VAL B 109 -3.74 4.15 19.57
C VAL B 109 -3.67 5.09 18.36
N LEU B 110 -4.42 4.83 17.27
CA LEU B 110 -4.37 5.71 16.05
C LEU B 110 -5.02 7.05 16.39
N LEU B 111 -6.05 7.04 17.25
CA LEU B 111 -6.78 8.28 17.66
C LEU B 111 -5.83 9.22 18.45
N SER B 112 -4.84 8.66 19.16
CA SER B 112 -3.91 9.41 20.04
C SER B 112 -2.86 10.15 19.20
N ASP B 113 -2.79 9.87 17.89
CA ASP B 113 -1.70 10.34 17.00
C ASP B 113 -1.98 11.80 16.65
N SER B 114 -1.03 12.70 16.98
CA SER B 114 -1.15 14.17 16.78
C SER B 114 -1.25 14.50 15.29
N GLN B 115 -0.58 13.72 14.44
CA GLN B 115 -0.62 13.87 12.95
C GLN B 115 -2.05 13.66 12.43
N LEU B 116 -2.81 12.76 13.05
CA LEU B 116 -4.22 12.50 12.65
C LEU B 116 -5.06 13.73 12.97
N HIS B 117 -4.80 14.37 14.12
CA HIS B 117 -5.60 15.51 14.66
C HIS B 117 -5.39 16.74 13.76
N LEU B 118 -4.15 16.97 13.33
CA LEU B 118 -3.77 18.11 12.44
C LEU B 118 -4.33 17.85 11.04
N PHE B 119 -4.31 16.59 10.55
CA PHE B 119 -4.95 16.23 9.25
C PHE B 119 -6.44 16.57 9.27
N LEU B 120 -7.16 16.21 10.33
CA LEU B 120 -8.64 16.25 10.35
C LEU B 120 -9.13 17.66 10.68
N GLN B 121 -8.40 18.42 11.50
CA GLN B 121 -9.01 19.60 12.17
C GLN B 121 -8.19 20.86 11.91
N SER B 122 -7.00 20.77 11.27
CA SER B 122 -6.19 21.98 11.00
C SER B 122 -6.22 22.27 9.48
N GLN B 123 -5.88 23.50 9.10
CA GLN B 123 -5.65 23.89 7.67
C GLN B 123 -4.15 23.73 7.33
N LEU B 124 -3.34 23.11 8.19
CA LEU B 124 -1.90 22.87 7.88
C LEU B 124 -1.80 21.95 6.65
N SER B 125 -0.93 22.24 5.70
CA SER B 125 -0.58 21.30 4.60
C SER B 125 0.15 20.09 5.21
N VAL B 126 0.29 19.03 4.43
CA VAL B 126 1.09 17.84 4.85
C VAL B 126 2.55 18.15 5.15
N PRO B 127 3.35 18.88 4.32
CA PRO B 127 4.73 19.21 4.73
C PRO B 127 4.83 19.98 6.07
N GLU B 128 3.87 20.86 6.36
CA GLU B 128 3.81 21.63 7.62
C GLU B 128 3.60 20.68 8.82
N ILE B 129 2.66 19.73 8.71
CA ILE B 129 2.37 18.73 9.77
C ILE B 129 3.66 17.91 10.01
N GLU B 130 4.30 17.48 8.94
CA GLU B 130 5.56 16.70 9.02
C GLU B 130 6.66 17.53 9.72
N ALA B 131 6.83 18.80 9.33
CA ALA B 131 7.82 19.72 9.95
C ALA B 131 7.52 19.86 11.45
N CYS B 132 6.25 19.95 11.88
CA CYS B 132 5.89 20.06 13.34
C CYS B 132 6.37 18.81 14.12
N VAL B 133 6.26 17.62 13.55
CA VAL B 133 6.64 16.33 14.21
C VAL B 133 8.17 16.20 14.22
N GLN B 134 8.85 16.49 13.11
CA GLN B 134 10.34 16.49 13.03
C GLN B 134 10.96 17.56 13.93
N GLY B 135 10.27 18.67 14.19
CA GLY B 135 10.84 19.87 14.84
C GLY B 135 10.53 19.95 16.32
N ARG B 136 9.73 19.02 16.86
CA ARG B 136 9.38 18.96 18.30
C ARG B 136 10.66 18.71 19.13
#